data_1U3R
#
_entry.id   1U3R
#
_cell.length_a   52.154
_cell.length_b   87.884
_cell.length_c   99.432
_cell.angle_alpha   90.00
_cell.angle_beta   90.00
_cell.angle_gamma   90.00
#
_symmetry.space_group_name_H-M   'P 21 21 21'
#
loop_
_entity.id
_entity.type
_entity.pdbx_description
1 polymer 'Estrogen receptor beta'
2 polymer 'steroid receptor coactivator-1'
3 non-polymer 2-(5-HYDROXY-NAPHTHALEN-1-YL)-1,3-BENZOOXAZOL-6-OL
4 water water
#
loop_
_entity_poly.entity_id
_entity_poly.type
_entity_poly.pdbx_seq_one_letter_code
_entity_poly.pdbx_strand_id
1 'polypeptide(L)'
;DALSPEQLVLTLLEAEPPHVLISRPSAPFTEASMMMSLTKLADKELVHMISWAKKIPGFVELSLFDQVRLLESCWMEVLM
MGLMWRSIDHPGKLIFAPDLVLDRDEGKCVEGILEIFDMLLATTSRFRELKLQHKEYLCVKAMILLNSSMYPLVTATQDA
DSSRKLAHLLNAVTDALVWVIAKSGISSQQQSMRLANLLMLLSHVRHASNKGMEHLLNMKCKNVVPVYDLLLEMLNAHVL
R
;
A,B
2 'polypeptide(L)' SGSHKLVQLLTTT C,D
#
loop_
_chem_comp.id
_chem_comp.type
_chem_comp.name
_chem_comp.formula
338 non-polymer 2-(5-HYDROXY-NAPHTHALEN-1-YL)-1,3-BENZOOXAZOL-6-OL 'C17 H11 N O3'
#
# COMPACT_ATOMS: atom_id res chain seq x y z
N LEU A 3 20.26 -20.14 8.12
CA LEU A 3 20.88 -18.78 8.05
C LEU A 3 20.22 -17.84 9.07
N SER A 4 20.98 -17.42 10.07
CA SER A 4 20.45 -16.54 11.11
C SER A 4 19.99 -15.19 10.55
N PRO A 5 19.12 -14.49 11.29
CA PRO A 5 18.61 -13.18 10.86
C PRO A 5 19.75 -12.21 10.61
N GLU A 6 20.74 -12.22 11.48
CA GLU A 6 21.87 -11.34 11.34
C GLU A 6 22.65 -11.62 10.07
N GLN A 7 22.81 -12.89 9.73
CA GLN A 7 23.53 -13.22 8.52
C GLN A 7 22.70 -12.96 7.28
N LEU A 8 21.38 -12.98 7.43
CA LEU A 8 20.53 -12.68 6.28
C LEU A 8 20.66 -11.18 6.01
N VAL A 9 20.69 -10.38 7.07
CA VAL A 9 20.80 -8.94 6.91
C VAL A 9 22.17 -8.59 6.33
N LEU A 10 23.19 -9.38 6.64
CA LEU A 10 24.50 -9.11 6.08
C LEU A 10 24.44 -9.34 4.57
N THR A 11 23.72 -10.36 4.13
CA THR A 11 23.61 -10.63 2.70
C THR A 11 22.86 -9.48 2.00
N LEU A 12 21.96 -8.81 2.72
CA LEU A 12 21.23 -7.70 2.11
C LEU A 12 22.18 -6.52 1.97
N LEU A 13 23.05 -6.36 2.96
CA LEU A 13 24.02 -5.29 2.95
C LEU A 13 24.96 -5.46 1.75
N GLU A 14 25.35 -6.71 1.49
CA GLU A 14 26.26 -7.02 0.40
C GLU A 14 25.58 -6.99 -0.96
N ALA A 15 24.25 -7.07 -0.96
CA ALA A 15 23.51 -7.02 -2.21
C ALA A 15 23.20 -5.57 -2.59
N GLU A 16 23.42 -4.64 -1.67
CA GLU A 16 23.15 -3.23 -1.91
C GLU A 16 23.75 -2.76 -3.24
N PRO A 17 22.93 -2.13 -4.09
CA PRO A 17 23.43 -1.65 -5.38
C PRO A 17 24.38 -0.50 -5.14
N PRO A 18 25.25 -0.20 -6.13
CA PRO A 18 26.22 0.88 -5.99
C PRO A 18 25.53 2.24 -6.07
N HIS A 19 26.21 3.27 -5.57
CA HIS A 19 25.66 4.61 -5.61
C HIS A 19 25.68 5.08 -7.06
N VAL A 20 24.55 5.62 -7.51
CA VAL A 20 24.38 6.06 -8.89
C VAL A 20 24.36 7.57 -9.09
N LEU A 21 25.02 8.01 -10.15
CA LEU A 21 25.08 9.42 -10.53
C LEU A 21 24.69 9.50 -11.99
N ILE A 22 24.03 10.59 -12.37
CA ILE A 22 23.62 10.76 -13.76
C ILE A 22 24.61 11.54 -14.62
N SER A 23 25.73 11.95 -14.03
CA SER A 23 26.76 12.70 -14.75
C SER A 23 26.26 14.01 -15.33
N ARG A 24 25.57 14.79 -14.50
CA ARG A 24 25.04 16.07 -14.95
C ARG A 24 25.75 17.24 -14.27
N PRO A 25 26.40 18.10 -15.06
CA PRO A 25 27.09 19.25 -14.45
C PRO A 25 26.06 20.05 -13.68
N SER A 26 26.41 20.47 -12.47
CA SER A 26 25.50 21.23 -11.64
C SER A 26 24.91 22.41 -12.42
N ALA A 27 23.60 22.61 -12.29
CA ALA A 27 22.92 23.70 -12.98
C ALA A 27 21.43 23.66 -12.64
N PRO A 28 20.74 24.80 -12.74
CA PRO A 28 19.31 24.92 -12.46
C PRO A 28 18.48 23.96 -13.31
N PHE A 29 17.35 23.52 -12.75
CA PHE A 29 16.46 22.59 -13.43
C PHE A 29 15.28 23.22 -14.17
N THR A 30 14.89 22.58 -15.27
CA THR A 30 13.77 22.99 -16.09
C THR A 30 12.91 21.75 -16.26
N GLU A 31 11.71 21.90 -16.80
CA GLU A 31 10.81 20.76 -17.01
C GLU A 31 11.48 19.67 -17.84
N ALA A 32 12.25 20.08 -18.84
CA ALA A 32 12.94 19.13 -19.71
C ALA A 32 14.09 18.44 -19.00
N SER A 33 15.03 19.21 -18.48
CA SER A 33 16.17 18.61 -17.79
C SER A 33 15.75 17.77 -16.59
N MET A 34 14.74 18.20 -15.85
CA MET A 34 14.30 17.43 -14.68
C MET A 34 13.78 16.05 -15.05
N MET A 35 12.73 15.97 -15.86
CA MET A 35 12.18 14.68 -16.26
C MET A 35 13.20 13.81 -16.96
N MET A 36 14.01 14.41 -17.82
CA MET A 36 15.04 13.68 -18.53
C MET A 36 16.04 13.10 -17.52
N SER A 37 16.37 13.87 -16.49
CA SER A 37 17.31 13.39 -15.48
C SER A 37 16.70 12.27 -14.63
N LEU A 38 15.41 12.36 -14.36
CA LEU A 38 14.73 11.32 -13.58
C LEU A 38 14.62 10.01 -14.36
N THR A 39 14.22 10.07 -15.62
CA THR A 39 14.09 8.86 -16.43
C THR A 39 15.47 8.24 -16.59
N LYS A 40 16.46 9.06 -16.86
CA LYS A 40 17.83 8.57 -17.02
C LYS A 40 18.30 7.87 -15.75
N LEU A 41 18.03 8.47 -14.58
CA LEU A 41 18.40 7.86 -13.31
C LEU A 41 17.65 6.55 -13.07
N ALA A 42 16.32 6.57 -13.28
CA ALA A 42 15.52 5.36 -13.05
C ALA A 42 16.03 4.19 -13.89
N ASP A 43 16.39 4.48 -15.14
CA ASP A 43 16.89 3.44 -16.01
C ASP A 43 18.18 2.85 -15.48
N LYS A 44 19.11 3.70 -15.06
CA LYS A 44 20.36 3.21 -14.51
C LYS A 44 20.11 2.37 -13.26
N GLU A 45 19.24 2.86 -12.38
CA GLU A 45 18.97 2.15 -11.14
C GLU A 45 18.28 0.80 -11.33
N LEU A 46 17.42 0.70 -12.33
CA LEU A 46 16.72 -0.55 -12.62
C LEU A 46 17.71 -1.67 -12.90
N VAL A 47 18.77 -1.36 -13.64
CA VAL A 47 19.80 -2.35 -13.93
C VAL A 47 20.41 -2.86 -12.61
N HIS A 48 20.80 -1.96 -11.73
CA HIS A 48 21.38 -2.36 -10.44
C HIS A 48 20.36 -3.07 -9.55
N MET A 49 19.08 -2.71 -9.70
CA MET A 49 18.04 -3.33 -8.90
C MET A 49 17.91 -4.80 -9.23
N ILE A 50 17.98 -5.13 -10.52
CA ILE A 50 17.86 -6.52 -10.96
C ILE A 50 18.98 -7.37 -10.36
N SER A 51 20.21 -6.87 -10.35
CA SER A 51 21.31 -7.65 -9.80
C SER A 51 21.20 -7.68 -8.26
N TRP A 52 20.60 -6.65 -7.68
CA TRP A 52 20.38 -6.61 -6.25
C TRP A 52 19.45 -7.77 -5.85
N ALA A 53 18.31 -7.87 -6.54
CA ALA A 53 17.33 -8.92 -6.26
C ALA A 53 17.92 -10.31 -6.35
N LYS A 54 18.79 -10.51 -7.34
CA LYS A 54 19.44 -11.80 -7.54
C LYS A 54 20.42 -12.18 -6.44
N LYS A 55 20.85 -11.21 -5.65
CA LYS A 55 21.77 -11.49 -4.55
C LYS A 55 21.01 -11.81 -3.28
N ILE A 56 19.68 -11.74 -3.34
CA ILE A 56 18.88 -12.05 -2.18
C ILE A 56 18.74 -13.57 -2.16
N PRO A 57 19.25 -14.21 -1.09
CA PRO A 57 19.20 -15.67 -0.95
C PRO A 57 17.85 -16.27 -1.32
N GLY A 58 17.86 -17.12 -2.33
CA GLY A 58 16.63 -17.77 -2.75
C GLY A 58 15.87 -17.12 -3.89
N PHE A 59 16.15 -15.86 -4.18
CA PHE A 59 15.42 -15.19 -5.26
C PHE A 59 15.60 -15.91 -6.60
N VAL A 60 16.83 -16.29 -6.93
CA VAL A 60 17.09 -16.96 -8.19
C VAL A 60 16.50 -18.37 -8.25
N GLU A 61 16.09 -18.89 -7.10
CA GLU A 61 15.49 -20.21 -7.06
C GLU A 61 14.00 -20.16 -7.35
N LEU A 62 13.42 -18.96 -7.33
CA LEU A 62 12.01 -18.80 -7.63
C LEU A 62 11.85 -19.04 -9.14
N SER A 63 10.64 -19.40 -9.58
CA SER A 63 10.43 -19.61 -11.00
C SER A 63 10.69 -18.30 -11.72
N LEU A 64 11.05 -18.37 -12.99
CA LEU A 64 11.33 -17.16 -13.76
C LEU A 64 10.07 -16.29 -13.81
N PHE A 65 8.91 -16.94 -13.84
CA PHE A 65 7.64 -16.22 -13.87
C PHE A 65 7.49 -15.33 -12.63
N ASP A 66 7.92 -15.84 -11.49
CA ASP A 66 7.81 -15.07 -10.25
C ASP A 66 8.84 -13.95 -10.12
N GLN A 67 10.09 -14.23 -10.48
CA GLN A 67 11.13 -13.20 -10.39
C GLN A 67 10.75 -11.96 -11.19
N VAL A 68 10.23 -12.21 -12.40
CA VAL A 68 9.80 -11.17 -13.32
C VAL A 68 8.59 -10.41 -12.79
N ARG A 69 7.58 -11.16 -12.35
CA ARG A 69 6.36 -10.53 -11.84
C ARG A 69 6.62 -9.75 -10.55
N LEU A 70 7.53 -10.22 -9.69
CA LEU A 70 7.80 -9.48 -8.45
C LEU A 70 8.49 -8.16 -8.77
N LEU A 71 9.50 -8.22 -9.63
CA LEU A 71 10.24 -7.03 -10.01
C LEU A 71 9.41 -6.03 -10.84
N GLU A 72 8.59 -6.53 -11.75
CA GLU A 72 7.77 -5.64 -12.58
C GLU A 72 6.74 -4.92 -11.72
N SER A 73 6.32 -5.59 -10.66
CA SER A 73 5.34 -5.04 -9.75
C SER A 73 5.87 -4.02 -8.74
N CYS A 74 7.07 -4.26 -8.22
CA CYS A 74 7.62 -3.40 -7.18
C CYS A 74 8.71 -2.38 -7.52
N TRP A 75 9.26 -2.41 -8.74
CA TRP A 75 10.39 -1.52 -9.03
C TRP A 75 10.27 -0.07 -8.59
N MET A 76 9.16 0.57 -8.91
CA MET A 76 8.99 1.97 -8.52
C MET A 76 9.04 2.16 -7.00
N GLU A 77 8.35 1.30 -6.26
CA GLU A 77 8.34 1.39 -4.79
C GLU A 77 9.75 1.24 -4.23
N VAL A 78 10.52 0.33 -4.81
CA VAL A 78 11.88 0.08 -4.35
C VAL A 78 12.76 1.28 -4.63
N LEU A 79 12.58 1.90 -5.79
CA LEU A 79 13.35 3.10 -6.12
C LEU A 79 13.02 4.18 -5.09
N MET A 80 11.73 4.39 -4.82
CA MET A 80 11.31 5.41 -3.85
C MET A 80 11.75 5.16 -2.42
N MET A 81 11.87 3.90 -2.01
CA MET A 81 12.30 3.58 -0.66
C MET A 81 13.77 3.95 -0.55
N GLY A 82 14.48 3.83 -1.68
CA GLY A 82 15.88 4.17 -1.71
C GLY A 82 16.03 5.67 -1.59
N LEU A 83 15.15 6.39 -2.28
CA LEU A 83 15.15 7.85 -2.24
C LEU A 83 14.97 8.32 -0.79
N MET A 84 14.04 7.69 -0.08
CA MET A 84 13.78 8.08 1.29
C MET A 84 14.96 7.83 2.22
N TRP A 85 15.60 6.67 2.13
CA TRP A 85 16.75 6.40 2.97
C TRP A 85 17.86 7.41 2.69
N ARG A 86 18.06 7.73 1.41
CA ARG A 86 19.11 8.70 1.03
C ARG A 86 18.80 10.12 1.47
N SER A 87 17.51 10.47 1.48
CA SER A 87 17.07 11.82 1.83
C SER A 87 16.88 12.05 3.33
N ILE A 88 16.92 10.96 4.10
CA ILE A 88 16.70 11.04 5.54
C ILE A 88 17.51 12.09 6.31
N ASP A 89 18.80 12.20 6.03
CA ASP A 89 19.63 13.18 6.72
C ASP A 89 19.59 14.56 6.07
N HIS A 90 18.60 14.83 5.23
CA HIS A 90 18.52 16.14 4.58
C HIS A 90 17.09 16.64 4.47
N PRO A 91 16.52 17.12 5.58
CA PRO A 91 15.14 17.61 5.56
C PRO A 91 14.82 18.60 4.43
N GLY A 92 13.64 18.46 3.86
CA GLY A 92 13.21 19.33 2.78
C GLY A 92 13.71 18.98 1.39
N LYS A 93 14.69 18.09 1.30
CA LYS A 93 15.23 17.72 -0.01
C LYS A 93 14.99 16.26 -0.41
N LEU A 94 14.94 16.02 -1.71
CA LEU A 94 14.76 14.67 -2.23
C LEU A 94 16.09 14.35 -2.92
N ILE A 95 16.87 13.48 -2.29
CA ILE A 95 18.17 13.10 -2.81
C ILE A 95 18.07 11.96 -3.82
N PHE A 96 17.51 12.25 -5.00
CA PHE A 96 17.39 11.22 -6.02
C PHE A 96 18.77 10.67 -6.34
N ALA A 97 19.76 11.56 -6.30
CA ALA A 97 21.14 11.20 -6.59
C ALA A 97 22.02 12.38 -6.20
N PRO A 98 23.31 12.13 -5.96
CA PRO A 98 24.25 13.18 -5.58
C PRO A 98 24.19 14.40 -6.52
N ASP A 99 24.03 14.14 -7.81
CA ASP A 99 23.93 15.21 -8.80
C ASP A 99 22.51 15.44 -9.28
N LEU A 100 21.55 15.01 -8.47
CA LEU A 100 20.14 15.19 -8.76
C LEU A 100 19.39 15.39 -7.44
N VAL A 101 19.59 16.57 -6.85
CA VAL A 101 18.95 16.96 -5.59
C VAL A 101 17.87 17.99 -5.91
N LEU A 102 16.64 17.73 -5.48
CA LEU A 102 15.53 18.64 -5.76
C LEU A 102 14.74 19.13 -4.55
N ASP A 103 14.14 20.32 -4.70
CA ASP A 103 13.32 20.96 -3.66
C ASP A 103 11.86 20.83 -4.06
N ARG A 104 10.98 21.23 -3.16
CA ARG A 104 9.56 21.18 -3.42
C ARG A 104 9.24 22.21 -4.50
N ASP A 105 9.91 23.35 -4.44
CA ASP A 105 9.69 24.42 -5.40
C ASP A 105 10.22 24.06 -6.78
N GLU A 106 11.14 23.09 -6.83
CA GLU A 106 11.69 22.66 -8.11
C GLU A 106 10.69 21.75 -8.80
N GLY A 107 9.83 21.12 -8.00
CA GLY A 107 8.84 20.22 -8.56
C GLY A 107 7.65 20.96 -9.11
N LYS A 108 7.61 22.28 -8.89
CA LYS A 108 6.50 23.10 -9.38
C LYS A 108 6.57 23.30 -10.89
N CYS A 109 7.78 23.35 -11.44
CA CYS A 109 7.91 23.56 -12.87
C CYS A 109 7.23 22.46 -13.67
N VAL A 110 7.12 21.26 -13.09
CA VAL A 110 6.46 20.15 -13.78
C VAL A 110 5.10 19.85 -13.15
N GLU A 111 4.05 20.01 -13.96
CA GLU A 111 2.68 19.78 -13.52
C GLU A 111 2.39 18.36 -13.05
N GLY A 112 1.77 18.26 -11.88
CA GLY A 112 1.41 16.96 -11.33
C GLY A 112 2.49 16.30 -10.49
N ILE A 113 3.72 16.82 -10.57
CA ILE A 113 4.81 16.25 -9.81
C ILE A 113 4.94 16.81 -8.39
N LEU A 114 4.47 18.03 -8.18
CA LEU A 114 4.54 18.64 -6.86
C LEU A 114 3.76 17.75 -5.89
N GLU A 115 2.68 17.17 -6.40
CA GLU A 115 1.84 16.27 -5.62
C GLU A 115 2.69 15.12 -5.14
N ILE A 116 3.40 14.50 -6.08
CA ILE A 116 4.26 13.37 -5.81
C ILE A 116 5.45 13.69 -4.90
N PHE A 117 6.08 14.85 -5.11
CA PHE A 117 7.21 15.25 -4.28
C PHE A 117 6.73 15.40 -2.83
N ASP A 118 5.55 15.98 -2.65
CA ASP A 118 5.00 16.17 -1.31
C ASP A 118 4.76 14.83 -0.60
N MET A 119 4.28 13.84 -1.34
CA MET A 119 4.05 12.53 -0.75
C MET A 119 5.39 11.94 -0.29
N LEU A 120 6.38 11.99 -1.16
CA LEU A 120 7.71 11.47 -0.89
C LEU A 120 8.37 12.18 0.29
N LEU A 121 8.25 13.51 0.32
CA LEU A 121 8.83 14.32 1.38
C LEU A 121 8.16 14.04 2.72
N ALA A 122 6.86 13.83 2.69
CA ALA A 122 6.11 13.56 3.90
C ALA A 122 6.51 12.19 4.45
N THR A 123 6.56 11.19 3.58
CA THR A 123 6.92 9.84 4.01
C THR A 123 8.36 9.82 4.51
N THR A 124 9.24 10.58 3.87
CA THR A 124 10.64 10.67 4.27
C THR A 124 10.76 11.32 5.64
N SER A 125 9.94 12.35 5.86
CA SER A 125 9.93 13.06 7.13
C SER A 125 9.49 12.10 8.23
N ARG A 126 8.57 11.20 7.89
CA ARG A 126 8.08 10.23 8.87
C ARG A 126 9.18 9.25 9.27
N PHE A 127 9.87 8.68 8.27
CA PHE A 127 10.95 7.74 8.55
C PHE A 127 12.03 8.44 9.37
N ARG A 128 12.21 9.73 9.10
CA ARG A 128 13.20 10.53 9.81
C ARG A 128 12.87 10.65 11.30
N GLU A 129 11.61 10.93 11.64
CA GLU A 129 11.26 11.05 13.05
C GLU A 129 11.34 9.71 13.77
N LEU A 130 11.12 8.62 13.01
CA LEU A 130 11.21 7.28 13.57
C LEU A 130 12.68 6.87 13.68
N LYS A 131 13.55 7.67 13.07
CA LYS A 131 14.97 7.40 13.08
C LYS A 131 15.27 6.05 12.43
N LEU A 132 14.76 5.86 11.22
CA LEU A 132 14.99 4.64 10.47
C LEU A 132 16.47 4.31 10.48
N GLN A 133 16.79 3.06 10.79
CA GLN A 133 18.18 2.61 10.83
C GLN A 133 18.51 1.92 9.50
N HIS A 134 19.79 1.91 9.14
CA HIS A 134 20.23 1.31 7.89
C HIS A 134 19.78 -0.15 7.73
N LYS A 135 19.95 -0.96 8.77
CA LYS A 135 19.57 -2.37 8.67
C LYS A 135 18.07 -2.55 8.53
N GLU A 136 17.29 -1.62 9.09
CA GLU A 136 15.84 -1.69 8.96
C GLU A 136 15.50 -1.40 7.49
N TYR A 137 16.15 -0.38 6.95
CA TYR A 137 15.97 0.02 5.57
C TYR A 137 16.19 -1.17 4.65
N LEU A 138 17.24 -1.94 4.93
CA LEU A 138 17.59 -3.10 4.13
C LEU A 138 16.50 -4.17 4.14
N CYS A 139 15.94 -4.44 5.32
CA CYS A 139 14.89 -5.46 5.42
C CYS A 139 13.61 -4.97 4.74
N VAL A 140 13.21 -3.74 5.05
CA VAL A 140 12.01 -3.15 4.48
C VAL A 140 12.07 -3.17 2.94
N LYS A 141 13.22 -2.82 2.37
CA LYS A 141 13.35 -2.83 0.92
C LYS A 141 13.20 -4.24 0.37
N ALA A 142 13.81 -5.22 1.04
CA ALA A 142 13.71 -6.60 0.58
C ALA A 142 12.26 -7.03 0.67
N MET A 143 11.60 -6.63 1.76
CA MET A 143 10.22 -6.99 1.97
C MET A 143 9.30 -6.40 0.91
N ILE A 144 9.59 -5.19 0.45
CA ILE A 144 8.78 -4.58 -0.59
C ILE A 144 8.80 -5.43 -1.85
N LEU A 145 9.97 -5.95 -2.20
CA LEU A 145 10.11 -6.81 -3.38
C LEU A 145 9.35 -8.14 -3.20
N LEU A 146 9.58 -8.79 -2.06
CA LEU A 146 8.96 -10.08 -1.82
C LEU A 146 7.46 -10.05 -1.49
N ASN A 147 6.91 -8.90 -1.16
CA ASN A 147 5.50 -8.81 -0.83
C ASN A 147 4.67 -7.95 -1.80
N SER A 148 5.26 -7.60 -2.93
CA SER A 148 4.62 -6.73 -3.92
C SER A 148 3.49 -7.29 -4.78
N SER A 149 3.82 -8.28 -5.60
CA SER A 149 2.82 -8.83 -6.51
C SER A 149 1.83 -9.76 -5.81
N MET A 150 0.88 -10.28 -6.58
CA MET A 150 -0.13 -11.19 -6.07
C MET A 150 -0.94 -10.56 -4.94
N GLN A 158 6.47 -27.57 -9.25
CA GLN A 158 7.08 -26.41 -9.90
C GLN A 158 6.24 -25.15 -9.73
N ASP A 159 5.00 -25.22 -10.20
CA ASP A 159 4.08 -24.09 -10.13
C ASP A 159 3.78 -23.69 -8.68
N ALA A 160 3.55 -24.69 -7.84
CA ALA A 160 3.23 -24.46 -6.43
C ALA A 160 4.51 -24.43 -5.59
N ASP A 161 5.58 -25.00 -6.12
CA ASP A 161 6.86 -25.06 -5.42
C ASP A 161 7.42 -23.66 -5.23
N SER A 162 7.48 -22.89 -6.31
CA SER A 162 8.00 -21.53 -6.24
C SER A 162 7.23 -20.73 -5.20
N SER A 163 5.93 -20.97 -5.13
CA SER A 163 5.07 -20.26 -4.18
C SER A 163 5.57 -20.37 -2.74
N ARG A 164 5.78 -21.59 -2.26
CA ARG A 164 6.25 -21.79 -0.89
C ARG A 164 7.63 -21.17 -0.71
N LYS A 165 8.45 -21.28 -1.74
CA LYS A 165 9.80 -20.71 -1.70
C LYS A 165 9.68 -19.24 -1.35
N LEU A 166 8.75 -18.55 -2.00
CA LEU A 166 8.53 -17.12 -1.79
C LEU A 166 8.06 -16.80 -0.38
N ALA A 167 7.05 -17.53 0.10
CA ALA A 167 6.54 -17.31 1.44
C ALA A 167 7.68 -17.51 2.44
N HIS A 168 8.44 -18.59 2.24
CA HIS A 168 9.58 -18.90 3.11
C HIS A 168 10.59 -17.74 3.10
N LEU A 169 10.89 -17.22 1.92
CA LEU A 169 11.84 -16.12 1.79
C LEU A 169 11.28 -14.84 2.44
N LEU A 170 10.02 -14.52 2.16
CA LEU A 170 9.41 -13.32 2.76
C LEU A 170 9.40 -13.42 4.29
N ASN A 171 9.07 -14.60 4.80
CA ASN A 171 9.04 -14.81 6.24
C ASN A 171 10.45 -14.63 6.84
N ALA A 172 11.46 -15.04 6.08
CA ALA A 172 12.84 -14.94 6.53
C ALA A 172 13.28 -13.48 6.68
N VAL A 173 12.86 -12.62 5.75
CA VAL A 173 13.23 -11.21 5.80
C VAL A 173 12.42 -10.51 6.89
N THR A 174 11.20 -11.00 7.14
CA THR A 174 10.37 -10.42 8.18
C THR A 174 11.05 -10.73 9.52
N ASP A 175 11.49 -11.97 9.66
CA ASP A 175 12.19 -12.44 10.83
C ASP A 175 13.45 -11.58 11.05
N ALA A 176 14.11 -11.19 9.96
CA ALA A 176 15.30 -10.37 10.05
C ALA A 176 14.96 -8.96 10.55
N LEU A 177 13.83 -8.42 10.09
CA LEU A 177 13.46 -7.08 10.55
C LEU A 177 13.15 -7.10 12.05
N VAL A 178 12.43 -8.13 12.51
CA VAL A 178 12.10 -8.26 13.92
C VAL A 178 13.39 -8.34 14.72
N TRP A 179 14.34 -9.13 14.24
CA TRP A 179 15.63 -9.27 14.89
C TRP A 179 16.30 -7.88 15.01
N VAL A 180 16.41 -7.18 13.88
CA VAL A 180 17.03 -5.85 13.90
C VAL A 180 16.40 -4.96 14.98
N ILE A 181 15.08 -4.94 15.06
CA ILE A 181 14.38 -4.13 16.04
C ILE A 181 14.69 -4.59 17.47
N ALA A 182 14.80 -5.90 17.67
CA ALA A 182 15.08 -6.44 18.99
C ALA A 182 16.47 -6.04 19.48
N LYS A 183 17.39 -5.81 18.54
CA LYS A 183 18.76 -5.43 18.85
C LYS A 183 18.88 -3.97 19.27
N SER A 184 17.85 -3.18 18.98
CA SER A 184 17.85 -1.77 19.35
C SER A 184 17.78 -1.70 20.87
N GLY A 185 17.46 -2.84 21.48
CA GLY A 185 17.38 -2.91 22.93
C GLY A 185 16.28 -2.10 23.60
N ILE A 186 15.18 -1.83 22.89
CA ILE A 186 14.10 -1.07 23.49
C ILE A 186 13.03 -2.00 24.07
N SER A 187 12.09 -1.39 24.79
CA SER A 187 10.99 -2.11 25.41
C SER A 187 10.37 -3.08 24.41
N SER A 188 9.86 -4.20 24.90
CA SER A 188 9.23 -5.18 24.03
C SER A 188 8.01 -4.52 23.38
N GLN A 189 7.24 -3.79 24.19
CA GLN A 189 6.06 -3.10 23.70
C GLN A 189 6.46 -2.07 22.64
N GLN A 190 7.59 -1.40 22.88
CA GLN A 190 8.10 -0.40 21.95
C GLN A 190 8.61 -1.04 20.66
N GLN A 191 9.08 -2.28 20.77
CA GLN A 191 9.58 -3.02 19.62
C GLN A 191 8.40 -3.32 18.71
N SER A 192 7.26 -3.62 19.33
CA SER A 192 6.04 -3.92 18.58
C SER A 192 5.50 -2.65 17.91
N MET A 193 5.48 -1.56 18.66
CA MET A 193 5.00 -0.30 18.11
C MET A 193 5.89 0.17 16.95
N ARG A 194 7.19 -0.08 17.07
CA ARG A 194 8.12 0.32 16.02
C ARG A 194 7.94 -0.52 14.75
N LEU A 195 7.77 -1.84 14.93
CA LEU A 195 7.58 -2.73 13.80
C LEU A 195 6.32 -2.32 13.04
N ALA A 196 5.24 -2.08 13.78
CA ALA A 196 3.98 -1.67 13.15
C ALA A 196 4.11 -0.31 12.48
N ASN A 197 4.83 0.62 13.09
CA ASN A 197 4.99 1.92 12.48
C ASN A 197 5.80 1.89 11.20
N LEU A 198 6.80 1.03 11.13
CA LEU A 198 7.61 0.95 9.92
C LEU A 198 6.80 0.31 8.81
N LEU A 199 6.11 -0.79 9.11
CA LEU A 199 5.32 -1.49 8.11
C LEU A 199 4.14 -0.67 7.60
N MET A 200 3.52 0.11 8.47
CA MET A 200 2.40 0.93 8.03
C MET A 200 2.84 1.97 6.99
N LEU A 201 4.12 2.33 6.98
CA LEU A 201 4.59 3.30 6.01
C LEU A 201 4.69 2.67 4.63
N LEU A 202 4.71 1.35 4.55
CA LEU A 202 4.77 0.69 3.23
C LEU A 202 3.56 1.16 2.38
N SER A 203 2.40 1.28 3.02
CA SER A 203 1.19 1.73 2.34
C SER A 203 1.43 3.07 1.65
N HIS A 204 2.16 3.95 2.32
CA HIS A 204 2.45 5.26 1.78
C HIS A 204 3.45 5.21 0.64
N VAL A 205 4.35 4.23 0.66
CA VAL A 205 5.34 4.10 -0.42
C VAL A 205 4.62 3.52 -1.63
N ARG A 206 3.70 2.58 -1.39
CA ARG A 206 2.94 1.98 -2.46
C ARG A 206 2.10 3.07 -3.12
N HIS A 207 1.48 3.92 -2.29
CA HIS A 207 0.64 5.01 -2.80
C HIS A 207 1.45 6.00 -3.66
N ALA A 208 2.57 6.49 -3.14
CA ALA A 208 3.39 7.43 -3.91
C ALA A 208 3.86 6.76 -5.19
N SER A 209 4.05 5.45 -5.13
CA SER A 209 4.50 4.65 -6.27
C SER A 209 3.43 4.60 -7.35
N ASN A 210 2.20 4.34 -6.95
CA ASN A 210 1.11 4.29 -7.93
C ASN A 210 0.96 5.65 -8.59
N LYS A 211 1.12 6.72 -7.82
CA LYS A 211 1.00 8.06 -8.40
C LYS A 211 2.19 8.37 -9.29
N GLY A 212 3.38 7.95 -8.87
CA GLY A 212 4.57 8.19 -9.66
C GLY A 212 4.52 7.50 -11.01
N MET A 213 3.97 6.30 -11.08
CA MET A 213 3.91 5.61 -12.35
C MET A 213 2.82 6.14 -13.28
N GLU A 214 1.72 6.59 -12.70
CA GLU A 214 0.63 7.15 -13.49
C GLU A 214 1.19 8.39 -14.20
N HIS A 215 1.98 9.17 -13.47
CA HIS A 215 2.57 10.38 -14.00
C HIS A 215 3.62 10.09 -15.09
N LEU A 216 4.45 9.07 -14.87
CA LEU A 216 5.48 8.71 -15.84
C LEU A 216 4.79 8.18 -17.10
N LEU A 217 3.76 7.38 -16.89
CA LEU A 217 3.00 6.82 -18.00
C LEU A 217 2.48 7.93 -18.92
N ASN A 218 1.88 8.95 -18.33
CA ASN A 218 1.36 10.06 -19.11
C ASN A 218 2.51 10.75 -19.85
N MET A 219 3.65 10.90 -19.18
CA MET A 219 4.81 11.53 -19.79
C MET A 219 5.24 10.73 -21.02
N LYS A 220 5.27 9.41 -20.88
CA LYS A 220 5.66 8.52 -21.98
C LYS A 220 4.71 8.70 -23.17
N CYS A 221 3.42 8.51 -22.92
CA CYS A 221 2.40 8.65 -23.96
C CYS A 221 2.57 9.97 -24.70
N LYS A 222 3.14 10.97 -24.05
CA LYS A 222 3.34 12.27 -24.68
C LYS A 222 4.71 12.39 -25.35
N ASN A 223 5.52 11.34 -25.22
CA ASN A 223 6.86 11.33 -25.80
C ASN A 223 7.67 12.56 -25.42
N VAL A 224 7.41 13.07 -24.23
CA VAL A 224 8.10 14.25 -23.72
C VAL A 224 9.39 13.87 -22.99
N VAL A 225 9.59 12.58 -22.78
CA VAL A 225 10.79 12.10 -22.10
C VAL A 225 11.38 10.89 -22.81
N PRO A 226 12.71 10.80 -22.84
CA PRO A 226 13.37 9.67 -23.49
C PRO A 226 13.19 8.48 -22.55
N VAL A 227 12.32 7.55 -22.93
CA VAL A 227 12.06 6.38 -22.09
C VAL A 227 12.91 5.20 -22.54
N TYR A 228 14.12 5.12 -21.98
CA TYR A 228 15.07 4.07 -22.28
C TYR A 228 14.40 2.69 -22.28
N ASP A 229 15.05 1.73 -22.92
CA ASP A 229 14.55 0.36 -23.05
C ASP A 229 14.10 -0.36 -21.77
N LEU A 230 14.97 -0.48 -20.77
CA LEU A 230 14.60 -1.16 -19.54
C LEU A 230 13.46 -0.44 -18.82
N LEU A 231 13.61 0.86 -18.60
CA LEU A 231 12.58 1.64 -17.93
C LEU A 231 11.26 1.51 -18.68
N LEU A 232 11.35 1.57 -20.00
CA LEU A 232 10.17 1.48 -20.85
C LEU A 232 9.41 0.16 -20.64
N GLU A 233 10.11 -0.97 -20.69
CA GLU A 233 9.41 -2.23 -20.53
C GLU A 233 8.93 -2.44 -19.10
N MET A 234 9.69 -1.95 -18.12
CA MET A 234 9.27 -2.09 -16.72
C MET A 234 7.97 -1.31 -16.56
N LEU A 235 7.84 -0.23 -17.30
CA LEU A 235 6.64 0.60 -17.24
C LEU A 235 5.46 -0.11 -17.91
N ASN A 236 5.64 -0.50 -19.17
CA ASN A 236 4.58 -1.18 -19.92
C ASN A 236 4.05 -2.43 -19.23
N ALA A 237 4.93 -3.17 -18.57
CA ALA A 237 4.51 -4.37 -17.87
C ALA A 237 3.37 -4.03 -16.91
N HIS A 238 3.50 -2.88 -16.24
CA HIS A 238 2.49 -2.41 -15.31
C HIS A 238 1.20 -2.09 -16.04
N VAL A 239 1.30 -1.25 -17.07
CA VAL A 239 0.14 -0.88 -17.88
C VAL A 239 -0.57 -2.16 -18.32
N LEU A 240 0.23 -3.17 -18.64
CA LEU A 240 -0.26 -4.48 -19.08
C LEU A 240 -0.86 -5.22 -17.89
N LYS B 5 16.69 -5.49 -21.24
CA LYS B 5 15.66 -6.55 -21.03
C LYS B 5 15.74 -7.13 -19.63
N LEU B 6 14.62 -7.11 -18.94
CA LEU B 6 14.53 -7.64 -17.58
C LEU B 6 14.97 -9.11 -17.57
N VAL B 7 14.41 -9.90 -18.47
CA VAL B 7 14.74 -11.31 -18.52
C VAL B 7 16.21 -11.64 -18.81
N GLN B 8 16.85 -10.95 -19.76
CA GLN B 8 18.24 -11.29 -20.02
C GLN B 8 19.16 -10.94 -18.86
N LEU B 9 18.83 -9.90 -18.11
CA LEU B 9 19.64 -9.53 -16.96
C LEU B 9 19.43 -10.49 -15.80
N LEU B 10 18.24 -11.10 -15.74
CA LEU B 10 17.92 -12.06 -14.69
C LEU B 10 18.59 -13.40 -14.97
N THR B 11 18.99 -13.61 -16.22
CA THR B 11 19.62 -14.86 -16.64
C THR B 11 21.13 -14.77 -16.91
N THR B 12 21.70 -13.58 -16.86
CA THR B 12 23.13 -13.41 -17.08
C THR B 12 23.74 -12.64 -15.91
N THR B 13 25.06 -12.53 -15.90
CA THR B 13 25.76 -11.83 -14.82
C THR B 13 26.98 -11.03 -15.32
N LEU C 3 -7.45 5.55 28.14
CA LEU C 3 -8.25 4.48 27.44
C LEU C 3 -7.36 3.26 27.17
N SER C 4 -7.63 2.18 27.88
CA SER C 4 -6.84 0.95 27.71
C SER C 4 -7.10 0.28 26.36
N PRO C 5 -6.18 -0.59 25.92
CA PRO C 5 -6.33 -1.29 24.64
C PRO C 5 -7.70 -2.00 24.58
N GLU C 6 -8.02 -2.73 25.63
CA GLU C 6 -9.29 -3.47 25.69
C GLU C 6 -10.49 -2.54 25.55
N GLN C 7 -10.42 -1.38 26.19
CA GLN C 7 -11.51 -0.44 26.06
C GLN C 7 -11.59 0.08 24.64
N LEU C 8 -10.43 0.24 24.01
CA LEU C 8 -10.40 0.72 22.64
C LEU C 8 -11.07 -0.34 21.78
N VAL C 9 -10.63 -1.59 21.92
CA VAL C 9 -11.19 -2.70 21.17
C VAL C 9 -12.71 -2.81 21.37
N LEU C 10 -13.14 -2.75 22.63
CA LEU C 10 -14.56 -2.85 22.97
C LEU C 10 -15.33 -1.70 22.32
N THR C 11 -14.72 -0.53 22.28
CA THR C 11 -15.36 0.63 21.67
C THR C 11 -15.50 0.45 20.15
N LEU C 12 -14.51 -0.17 19.51
CA LEU C 12 -14.58 -0.38 18.07
C LEU C 12 -15.64 -1.45 17.78
N LEU C 13 -15.71 -2.44 18.65
CA LEU C 13 -16.69 -3.51 18.50
C LEU C 13 -18.09 -2.90 18.46
N GLU C 14 -18.40 -2.02 19.40
CA GLU C 14 -19.71 -1.38 19.43
C GLU C 14 -19.90 -0.50 18.19
N ALA C 15 -18.85 0.19 17.78
CA ALA C 15 -18.92 1.08 16.61
C ALA C 15 -19.14 0.37 15.26
N GLU C 16 -19.05 -0.96 15.23
CA GLU C 16 -19.27 -1.69 13.99
C GLU C 16 -20.56 -1.26 13.31
N PRO C 17 -20.50 -0.98 12.00
CA PRO C 17 -21.69 -0.56 11.27
C PRO C 17 -22.62 -1.74 11.05
N PRO C 18 -23.94 -1.47 10.96
CA PRO C 18 -24.88 -2.56 10.74
C PRO C 18 -24.66 -3.06 9.30
N HIS C 19 -24.94 -4.32 9.04
CA HIS C 19 -24.76 -4.82 7.69
C HIS C 19 -25.80 -4.24 6.75
N VAL C 20 -25.33 -3.64 5.66
CA VAL C 20 -26.20 -3.03 4.67
C VAL C 20 -26.96 -4.10 3.92
N LEU C 21 -28.28 -3.96 3.88
CA LEU C 21 -29.11 -4.94 3.20
C LEU C 21 -29.44 -4.47 1.79
N ILE C 22 -28.81 -5.13 0.82
CA ILE C 22 -29.04 -4.81 -0.58
C ILE C 22 -29.35 -6.12 -1.28
N SER C 23 -30.37 -6.12 -2.12
CA SER C 23 -30.78 -7.33 -2.82
C SER C 23 -30.06 -7.58 -4.14
N ARG C 24 -29.81 -8.85 -4.39
CA ARG C 24 -29.17 -9.28 -5.62
C ARG C 24 -30.20 -9.13 -6.74
N PRO C 25 -29.81 -8.60 -7.90
CA PRO C 25 -30.79 -8.46 -8.97
C PRO C 25 -31.42 -9.80 -9.35
N SER C 26 -32.73 -9.76 -9.61
CA SER C 26 -33.50 -10.94 -9.98
C SER C 26 -32.84 -11.77 -11.08
N ALA C 27 -32.54 -11.11 -12.20
CA ALA C 27 -31.91 -11.75 -13.34
C ALA C 27 -30.40 -11.89 -13.15
N PRO C 28 -29.76 -12.73 -13.95
CA PRO C 28 -28.30 -12.89 -13.82
C PRO C 28 -27.68 -11.54 -14.16
N PHE C 29 -26.64 -11.16 -13.43
CA PHE C 29 -25.97 -9.88 -13.64
C PHE C 29 -25.63 -9.57 -15.09
N THR C 30 -25.67 -8.28 -15.39
CA THR C 30 -25.29 -7.76 -16.70
C THR C 30 -24.24 -6.74 -16.29
N GLU C 31 -23.43 -6.28 -17.22
CA GLU C 31 -22.42 -5.29 -16.87
C GLU C 31 -23.05 -4.16 -16.06
N ALA C 32 -24.14 -3.61 -16.58
CA ALA C 32 -24.86 -2.52 -15.95
C ALA C 32 -25.47 -2.82 -14.57
N SER C 33 -26.16 -3.95 -14.46
CA SER C 33 -26.79 -4.30 -13.19
C SER C 33 -25.77 -4.64 -12.11
N MET C 34 -24.58 -5.10 -12.50
CA MET C 34 -23.57 -5.41 -11.51
C MET C 34 -23.01 -4.13 -10.93
N MET C 35 -22.73 -3.17 -11.81
CA MET C 35 -22.19 -1.89 -11.41
C MET C 35 -23.25 -1.11 -10.64
N MET C 36 -24.51 -1.38 -10.94
CA MET C 36 -25.62 -0.69 -10.26
C MET C 36 -25.61 -1.15 -8.81
N SER C 37 -25.51 -2.46 -8.63
CA SER C 37 -25.50 -3.07 -7.32
C SER C 37 -24.28 -2.62 -6.50
N LEU C 38 -23.11 -2.62 -7.13
CA LEU C 38 -21.90 -2.24 -6.43
C LEU C 38 -21.90 -0.78 -6.03
N THR C 39 -22.37 0.10 -6.91
CA THR C 39 -22.40 1.53 -6.60
C THR C 39 -23.43 1.85 -5.52
N LYS C 40 -24.60 1.23 -5.59
CA LYS C 40 -25.62 1.47 -4.58
C LYS C 40 -25.12 0.98 -3.22
N LEU C 41 -24.49 -0.19 -3.19
CA LEU C 41 -23.97 -0.74 -1.93
C LEU C 41 -22.96 0.21 -1.30
N ALA C 42 -21.97 0.62 -2.09
CA ALA C 42 -20.92 1.52 -1.63
C ALA C 42 -21.52 2.81 -1.11
N ASP C 43 -22.52 3.32 -1.81
CA ASP C 43 -23.17 4.57 -1.41
C ASP C 43 -23.81 4.43 -0.03
N LYS C 44 -24.51 3.33 0.20
CA LYS C 44 -25.14 3.07 1.49
C LYS C 44 -24.10 2.82 2.58
N GLU C 45 -23.03 2.10 2.24
CA GLU C 45 -21.98 1.82 3.21
C GLU C 45 -21.16 3.05 3.59
N LEU C 46 -20.95 3.95 2.63
CA LEU C 46 -20.21 5.16 2.92
C LEU C 46 -20.90 5.96 4.03
N VAL C 47 -22.22 6.00 4.01
CA VAL C 47 -22.96 6.74 5.04
C VAL C 47 -22.67 6.14 6.42
N HIS C 48 -22.68 4.82 6.53
CA HIS C 48 -22.41 4.17 7.81
C HIS C 48 -20.94 4.28 8.20
N MET C 49 -20.06 4.35 7.20
CA MET C 49 -18.63 4.46 7.47
C MET C 49 -18.31 5.76 8.20
N ILE C 50 -18.96 6.84 7.79
CA ILE C 50 -18.72 8.12 8.42
C ILE C 50 -19.20 8.10 9.87
N SER C 51 -20.33 7.43 10.14
CA SER C 51 -20.82 7.34 11.50
C SER C 51 -19.79 6.54 12.29
N TRP C 52 -19.35 5.44 11.70
CA TRP C 52 -18.35 4.56 12.31
C TRP C 52 -17.10 5.36 12.66
N ALA C 53 -16.56 6.09 11.68
CA ALA C 53 -15.35 6.88 11.89
C ALA C 53 -15.46 7.84 13.08
N LYS C 54 -16.61 8.51 13.20
CA LYS C 54 -16.84 9.45 14.28
C LYS C 54 -16.81 8.77 15.66
N LYS C 55 -16.89 7.44 15.67
CA LYS C 55 -16.86 6.70 16.92
C LYS C 55 -15.46 6.21 17.29
N ILE C 56 -14.51 6.30 16.36
CA ILE C 56 -13.15 5.87 16.68
C ILE C 56 -12.63 6.90 17.68
N PRO C 57 -12.15 6.44 18.83
CA PRO C 57 -11.62 7.32 19.87
C PRO C 57 -10.65 8.40 19.43
N GLY C 58 -11.08 9.66 19.51
CA GLY C 58 -10.22 10.77 19.13
C GLY C 58 -10.33 11.29 17.72
N PHE C 59 -11.04 10.56 16.86
CA PHE C 59 -11.18 10.97 15.46
C PHE C 59 -11.83 12.34 15.34
N VAL C 60 -12.92 12.56 16.07
CA VAL C 60 -13.62 13.83 15.99
C VAL C 60 -12.79 14.96 16.58
N GLU C 61 -11.79 14.64 17.38
CA GLU C 61 -10.96 15.67 17.98
C GLU C 61 -9.95 16.22 16.97
N LEU C 62 -9.83 15.56 15.82
CA LEU C 62 -8.93 16.02 14.78
C LEU C 62 -9.67 17.17 14.09
N SER C 63 -9.00 17.89 13.20
CA SER C 63 -9.65 19.00 12.52
C SER C 63 -10.55 18.45 11.42
N LEU C 64 -11.63 19.17 11.10
CA LEU C 64 -12.54 18.72 10.07
C LEU C 64 -11.78 18.39 8.79
N PHE C 65 -10.77 19.19 8.49
CA PHE C 65 -9.99 18.99 7.28
C PHE C 65 -9.20 17.68 7.27
N ASP C 66 -8.68 17.27 8.43
CA ASP C 66 -7.95 16.01 8.50
C ASP C 66 -8.95 14.86 8.41
N GLN C 67 -10.11 15.04 9.04
CA GLN C 67 -11.15 14.03 9.01
C GLN C 67 -11.54 13.78 7.56
N VAL C 68 -11.82 14.86 6.83
CA VAL C 68 -12.21 14.75 5.43
C VAL C 68 -11.14 14.08 4.59
N ARG C 69 -9.89 14.47 4.79
CA ARG C 69 -8.86 13.87 4.00
C ARG C 69 -8.56 12.40 4.34
N LEU C 70 -8.76 11.98 5.59
CA LEU C 70 -8.53 10.57 5.92
C LEU C 70 -9.60 9.73 5.22
N LEU C 71 -10.85 10.15 5.30
CA LEU C 71 -11.95 9.42 4.68
C LEU C 71 -11.92 9.39 3.15
N GLU C 72 -11.54 10.50 2.52
CA GLU C 72 -11.45 10.55 1.05
C GLU C 72 -10.37 9.61 0.57
N SER C 73 -9.30 9.54 1.33
CA SER C 73 -8.17 8.72 0.97
C SER C 73 -8.31 7.21 1.19
N CYS C 74 -9.04 6.80 2.23
CA CYS C 74 -9.15 5.38 2.55
C CYS C 74 -10.50 4.68 2.36
N TRP C 75 -11.56 5.42 2.06
CA TRP C 75 -12.86 4.78 1.96
C TRP C 75 -12.96 3.44 1.25
N MET C 76 -12.41 3.34 0.05
CA MET C 76 -12.49 2.09 -0.70
C MET C 76 -11.71 0.98 0.00
N GLU C 77 -10.57 1.34 0.59
CA GLU C 77 -9.75 0.37 1.32
C GLU C 77 -10.57 -0.21 2.47
N VAL C 78 -11.27 0.67 3.18
CA VAL C 78 -12.07 0.26 4.31
C VAL C 78 -13.21 -0.64 3.83
N LEU C 79 -13.94 -0.22 2.80
CA LEU C 79 -15.01 -1.06 2.29
C LEU C 79 -14.46 -2.45 1.96
N MET C 80 -13.34 -2.48 1.27
CA MET C 80 -12.72 -3.75 0.87
C MET C 80 -12.25 -4.63 2.01
N MET C 81 -11.79 -4.02 3.10
CA MET C 81 -11.33 -4.80 4.25
C MET C 81 -12.57 -5.47 4.85
N GLY C 82 -13.69 -4.76 4.80
CA GLY C 82 -14.95 -5.30 5.31
C GLY C 82 -15.37 -6.47 4.45
N LEU C 83 -15.25 -6.34 3.13
CA LEU C 83 -15.60 -7.43 2.22
C LEU C 83 -14.77 -8.67 2.57
N MET C 84 -13.45 -8.50 2.64
CA MET C 84 -12.56 -9.60 2.93
C MET C 84 -12.91 -10.31 4.22
N TRP C 85 -13.21 -9.53 5.25
CA TRP C 85 -13.59 -10.11 6.54
C TRP C 85 -14.89 -10.91 6.40
N ARG C 86 -15.88 -10.33 5.75
CA ARG C 86 -17.17 -10.97 5.55
C ARG C 86 -17.07 -12.22 4.70
N SER C 87 -16.05 -12.26 3.83
CA SER C 87 -15.84 -13.39 2.93
C SER C 87 -14.89 -14.44 3.46
N ILE C 88 -14.24 -14.14 4.59
CA ILE C 88 -13.27 -15.05 5.17
C ILE C 88 -13.69 -16.51 5.37
N ASP C 89 -14.92 -16.76 5.83
CA ASP C 89 -15.38 -18.14 6.00
C ASP C 89 -16.13 -18.61 4.76
N HIS C 90 -15.76 -18.12 3.59
CA HIS C 90 -16.42 -18.50 2.33
C HIS C 90 -15.48 -18.52 1.14
N PRO C 91 -14.50 -19.44 1.15
CA PRO C 91 -13.55 -19.52 0.02
C PRO C 91 -14.27 -19.51 -1.33
N GLY C 92 -13.66 -18.85 -2.31
CA GLY C 92 -14.25 -18.77 -3.64
C GLY C 92 -15.31 -17.69 -3.78
N LYS C 93 -15.91 -17.28 -2.67
CA LYS C 93 -16.94 -16.26 -2.71
C LYS C 93 -16.57 -14.89 -2.13
N LEU C 94 -17.22 -13.86 -2.64
CA LEU C 94 -17.03 -12.50 -2.19
C LEU C 94 -18.36 -12.05 -1.64
N ILE C 95 -18.44 -11.92 -0.33
CA ILE C 95 -19.68 -11.51 0.29
C ILE C 95 -19.76 -10.00 0.42
N PHE C 96 -20.13 -9.34 -0.67
CA PHE C 96 -20.26 -7.90 -0.67
C PHE C 96 -21.34 -7.53 0.34
N ALA C 97 -22.35 -8.38 0.46
CA ALA C 97 -23.44 -8.16 1.41
C ALA C 97 -24.19 -9.45 1.65
N PRO C 98 -24.95 -9.53 2.75
CA PRO C 98 -25.73 -10.73 3.08
C PRO C 98 -26.43 -11.37 1.89
N ASP C 99 -27.01 -10.57 1.00
CA ASP C 99 -27.69 -11.13 -0.15
C ASP C 99 -27.02 -10.79 -1.49
N LEU C 100 -25.77 -10.35 -1.42
CA LEU C 100 -25.03 -10.02 -2.62
C LEU C 100 -23.72 -10.80 -2.60
N VAL C 101 -23.86 -12.12 -2.75
CA VAL C 101 -22.74 -13.05 -2.77
C VAL C 101 -22.34 -13.32 -4.22
N LEU C 102 -21.13 -12.93 -4.60
CA LEU C 102 -20.68 -13.13 -5.96
C LEU C 102 -19.56 -14.16 -6.10
N ASP C 103 -19.60 -14.91 -7.21
CA ASP C 103 -18.57 -15.90 -7.50
C ASP C 103 -17.60 -15.11 -8.38
N ARG C 104 -16.37 -15.60 -8.53
CA ARG C 104 -15.40 -14.91 -9.37
C ARG C 104 -15.85 -14.88 -10.82
N ASP C 105 -16.64 -15.89 -11.21
CA ASP C 105 -17.13 -16.01 -12.57
C ASP C 105 -18.01 -14.83 -13.01
N GLU C 106 -19.01 -14.50 -12.21
CA GLU C 106 -19.91 -13.39 -12.53
C GLU C 106 -19.14 -12.11 -12.83
N GLY C 107 -17.92 -12.03 -12.31
CA GLY C 107 -17.11 -10.85 -12.54
C GLY C 107 -16.72 -10.68 -14.01
N LYS C 108 -17.20 -11.59 -14.85
CA LYS C 108 -16.88 -11.52 -16.28
C LYS C 108 -17.76 -10.55 -17.06
N CYS C 109 -19.01 -10.38 -16.62
CA CYS C 109 -19.91 -9.47 -17.31
C CYS C 109 -19.46 -8.02 -17.23
N VAL C 110 -18.40 -7.77 -16.46
CA VAL C 110 -17.88 -6.42 -16.31
C VAL C 110 -16.42 -6.37 -16.74
N GLU C 111 -16.17 -5.68 -17.84
CA GLU C 111 -14.83 -5.54 -18.38
C GLU C 111 -13.84 -4.96 -17.37
N GLY C 112 -12.81 -5.73 -17.04
CA GLY C 112 -11.79 -5.26 -16.13
C GLY C 112 -12.01 -5.45 -14.63
N ILE C 113 -13.14 -6.03 -14.24
CA ILE C 113 -13.41 -6.23 -12.82
C ILE C 113 -12.92 -7.57 -12.31
N LEU C 114 -12.89 -8.58 -13.19
CA LEU C 114 -12.44 -9.92 -12.81
C LEU C 114 -11.07 -9.82 -12.13
N GLU C 115 -10.21 -8.99 -12.70
CA GLU C 115 -8.87 -8.78 -12.16
C GLU C 115 -8.94 -8.32 -10.71
N ILE C 116 -9.80 -7.34 -10.45
CA ILE C 116 -9.97 -6.78 -9.11
C ILE C 116 -10.54 -7.85 -8.18
N PHE C 117 -11.52 -8.61 -8.66
CA PHE C 117 -12.11 -9.67 -7.87
C PHE C 117 -11.03 -10.69 -7.52
N ASP C 118 -10.02 -10.78 -8.37
CA ASP C 118 -8.92 -11.73 -8.14
C ASP C 118 -8.05 -11.28 -6.97
N MET C 119 -7.69 -10.00 -6.97
CA MET C 119 -6.89 -9.46 -5.90
C MET C 119 -7.63 -9.69 -4.58
N LEU C 120 -8.90 -9.28 -4.55
CA LEU C 120 -9.73 -9.40 -3.36
C LEU C 120 -9.83 -10.83 -2.83
N LEU C 121 -10.03 -11.78 -3.73
CA LEU C 121 -10.12 -13.18 -3.33
C LEU C 121 -8.77 -13.69 -2.84
N ALA C 122 -7.70 -13.22 -3.48
CA ALA C 122 -6.35 -13.63 -3.11
C ALA C 122 -6.01 -13.12 -1.71
N THR C 123 -6.25 -11.83 -1.49
CA THR C 123 -5.96 -11.23 -0.19
C THR C 123 -6.83 -11.88 0.88
N THR C 124 -8.08 -12.17 0.56
CA THR C 124 -8.98 -12.81 1.52
C THR C 124 -8.40 -14.16 1.93
N SER C 125 -7.83 -14.89 0.97
CA SER C 125 -7.24 -16.20 1.23
C SER C 125 -6.09 -16.09 2.22
N ARG C 126 -5.29 -15.05 2.11
CA ARG C 126 -4.18 -14.90 3.02
C ARG C 126 -4.68 -14.64 4.44
N PHE C 127 -5.68 -13.77 4.59
CA PHE C 127 -6.24 -13.47 5.91
C PHE C 127 -6.83 -14.76 6.52
N ARG C 128 -7.51 -15.53 5.68
CA ARG C 128 -8.11 -16.80 6.10
C ARG C 128 -7.02 -17.75 6.58
N GLU C 129 -5.95 -17.82 5.79
CA GLU C 129 -4.80 -18.65 6.09
C GLU C 129 -4.16 -18.22 7.41
N LEU C 130 -4.16 -16.91 7.67
CA LEU C 130 -3.61 -16.36 8.90
C LEU C 130 -4.64 -16.50 10.00
N LYS C 131 -5.84 -16.92 9.62
CA LYS C 131 -6.94 -17.10 10.56
C LYS C 131 -7.22 -15.81 11.34
N LEU C 132 -7.38 -14.72 10.60
CA LEU C 132 -7.66 -13.42 11.20
C LEU C 132 -8.81 -13.52 12.19
N GLN C 133 -8.66 -12.90 13.35
CA GLN C 133 -9.69 -12.91 14.38
C GLN C 133 -10.50 -11.60 14.37
N HIS C 134 -11.71 -11.65 14.88
CA HIS C 134 -12.62 -10.51 14.91
C HIS C 134 -11.96 -9.27 15.52
N LYS C 135 -11.40 -9.39 16.72
CA LYS C 135 -10.77 -8.26 17.38
C LYS C 135 -9.58 -7.71 16.59
N GLU C 136 -8.88 -8.58 15.86
CA GLU C 136 -7.73 -8.14 15.06
C GLU C 136 -8.26 -7.32 13.92
N TYR C 137 -9.30 -7.84 13.29
CA TYR C 137 -9.97 -7.18 12.18
C TYR C 137 -10.39 -5.75 12.57
N LEU C 138 -11.08 -5.62 13.71
CA LEU C 138 -11.54 -4.30 14.16
C LEU C 138 -10.41 -3.29 14.24
N CYS C 139 -9.28 -3.72 14.82
CA CYS C 139 -8.12 -2.85 14.96
C CYS C 139 -7.53 -2.50 13.61
N VAL C 140 -7.40 -3.50 12.74
CA VAL C 140 -6.83 -3.28 11.41
C VAL C 140 -7.66 -2.31 10.58
N LYS C 141 -8.97 -2.48 10.59
CA LYS C 141 -9.82 -1.60 9.80
C LYS C 141 -9.65 -0.16 10.25
N ALA C 142 -9.57 0.05 11.56
CA ALA C 142 -9.39 1.38 12.12
C ALA C 142 -8.00 1.92 11.77
N MET C 143 -7.00 1.04 11.78
CA MET C 143 -5.64 1.47 11.44
C MET C 143 -5.60 1.93 9.99
N ILE C 144 -6.38 1.28 9.12
CA ILE C 144 -6.43 1.66 7.72
C ILE C 144 -6.88 3.12 7.58
N LEU C 145 -7.91 3.50 8.35
CA LEU C 145 -8.43 4.89 8.31
C LEU C 145 -7.42 5.89 8.87
N LEU C 146 -6.86 5.58 10.03
CA LEU C 146 -5.89 6.46 10.66
C LEU C 146 -4.54 6.50 9.98
N ASN C 147 -4.25 5.56 9.08
CA ASN C 147 -2.95 5.52 8.42
C ASN C 147 -2.93 6.09 7.00
N SER C 148 -4.08 6.47 6.46
CA SER C 148 -4.14 7.02 5.11
C SER C 148 -3.61 8.46 5.06
N SER C 149 -2.80 8.81 6.05
CA SER C 149 -2.19 10.14 6.19
C SER C 149 -1.53 10.66 4.92
N SER C 162 -3.17 18.74 14.96
CA SER C 162 -3.84 17.53 14.52
C SER C 162 -2.87 16.45 14.06
N SER C 163 -1.96 16.80 13.17
CA SER C 163 -0.98 15.86 12.64
C SER C 163 -0.31 15.05 13.77
N ARG C 164 -0.12 15.71 14.91
CA ARG C 164 0.52 15.06 16.06
C ARG C 164 -0.49 14.18 16.80
N LYS C 165 -1.73 14.64 16.87
CA LYS C 165 -2.79 13.91 17.54
C LYS C 165 -3.17 12.66 16.73
N LEU C 166 -2.96 12.72 15.42
CA LEU C 166 -3.26 11.60 14.54
C LEU C 166 -2.29 10.47 14.82
N ALA C 167 -1.01 10.82 14.99
CA ALA C 167 0.02 9.85 15.27
C ALA C 167 -0.27 9.11 16.58
N HIS C 168 -0.75 9.83 17.57
CA HIS C 168 -1.06 9.25 18.87
C HIS C 168 -2.26 8.32 18.75
N LEU C 169 -3.27 8.76 17.99
CA LEU C 169 -4.47 7.94 17.78
C LEU C 169 -4.08 6.63 17.08
N LEU C 170 -3.15 6.73 16.13
CA LEU C 170 -2.70 5.56 15.38
C LEU C 170 -1.94 4.59 16.29
N ASN C 171 -1.13 5.12 17.20
CA ASN C 171 -0.38 4.27 18.11
C ASN C 171 -1.31 3.59 19.11
N ALA C 172 -2.35 4.31 19.52
CA ALA C 172 -3.32 3.77 20.46
C ALA C 172 -3.96 2.52 19.85
N VAL C 173 -4.45 2.62 18.63
CA VAL C 173 -5.07 1.48 17.99
C VAL C 173 -4.02 0.39 17.74
N THR C 174 -2.80 0.78 17.39
CA THR C 174 -1.75 -0.21 17.20
C THR C 174 -1.53 -0.92 18.53
N ASP C 175 -1.50 -0.15 19.61
CA ASP C 175 -1.32 -0.72 20.95
C ASP C 175 -2.40 -1.77 21.16
N ALA C 176 -3.61 -1.43 20.75
CA ALA C 176 -4.75 -2.34 20.88
C ALA C 176 -4.53 -3.61 20.08
N LEU C 177 -4.06 -3.49 18.84
CA LEU C 177 -3.83 -4.67 18.01
C LEU C 177 -2.80 -5.57 18.68
N VAL C 178 -1.72 -4.97 19.17
CA VAL C 178 -0.68 -5.72 19.85
C VAL C 178 -1.30 -6.46 21.04
N TRP C 179 -2.12 -5.75 21.81
CA TRP C 179 -2.78 -6.32 22.98
C TRP C 179 -3.63 -7.53 22.59
N VAL C 180 -4.37 -7.43 21.50
CA VAL C 180 -5.20 -8.53 21.03
C VAL C 180 -4.33 -9.75 20.68
N ILE C 181 -3.32 -9.55 19.85
CA ILE C 181 -2.44 -10.65 19.47
C ILE C 181 -1.79 -11.35 20.66
N ALA C 182 -1.40 -10.58 21.68
CA ALA C 182 -0.79 -11.16 22.87
C ALA C 182 -1.80 -12.01 23.62
N LYS C 183 -3.06 -11.60 23.62
CA LYS C 183 -4.08 -12.35 24.34
C LYS C 183 -4.32 -13.70 23.65
N SER C 184 -3.67 -13.91 22.51
CA SER C 184 -3.80 -15.17 21.80
C SER C 184 -2.91 -16.20 22.49
N GLY C 185 -1.91 -15.72 23.21
CA GLY C 185 -1.03 -16.59 23.95
C GLY C 185 0.17 -17.19 23.25
N ILE C 186 0.41 -16.85 21.99
CA ILE C 186 1.56 -17.41 21.28
C ILE C 186 2.84 -16.74 21.78
N SER C 187 3.98 -17.38 21.53
CA SER C 187 5.25 -16.85 21.99
C SER C 187 5.42 -15.40 21.54
N SER C 188 6.21 -14.65 22.32
CA SER C 188 6.47 -13.25 22.02
C SER C 188 7.02 -13.04 20.60
N GLN C 189 7.91 -13.93 20.18
CA GLN C 189 8.51 -13.83 18.86
C GLN C 189 7.48 -14.09 17.76
N GLN C 190 6.51 -14.94 18.07
CA GLN C 190 5.46 -15.28 17.11
C GLN C 190 4.40 -14.18 17.09
N GLN C 191 4.35 -13.37 18.14
CA GLN C 191 3.41 -12.27 18.21
C GLN C 191 3.92 -11.20 17.24
N SER C 192 5.22 -10.95 17.28
CA SER C 192 5.83 -9.98 16.39
C SER C 192 5.64 -10.41 14.95
N MET C 193 5.80 -11.71 14.71
CA MET C 193 5.67 -12.26 13.36
C MET C 193 4.24 -12.14 12.82
N ARG C 194 3.26 -12.42 13.67
CA ARG C 194 1.86 -12.32 13.26
C ARG C 194 1.51 -10.86 13.01
N LEU C 195 2.02 -9.98 13.86
CA LEU C 195 1.77 -8.55 13.69
C LEU C 195 2.29 -8.10 12.32
N ALA C 196 3.47 -8.60 11.94
CA ALA C 196 4.07 -8.26 10.64
C ALA C 196 3.28 -8.84 9.48
N ASN C 197 2.85 -10.09 9.64
CA ASN C 197 2.10 -10.75 8.57
C ASN C 197 0.77 -10.04 8.30
N LEU C 198 0.08 -9.63 9.34
CA LEU C 198 -1.18 -8.92 9.18
C LEU C 198 -0.99 -7.56 8.51
N LEU C 199 -0.03 -6.78 8.98
CA LEU C 199 0.19 -5.45 8.43
C LEU C 199 0.77 -5.43 7.02
N MET C 200 1.53 -6.47 6.65
CA MET C 200 2.10 -6.52 5.30
C MET C 200 0.97 -6.64 4.28
N LEU C 201 -0.21 -7.04 4.72
CA LEU C 201 -1.33 -7.18 3.79
C LEU C 201 -2.01 -5.84 3.50
N LEU C 202 -1.77 -4.83 4.32
CA LEU C 202 -2.38 -3.53 4.09
C LEU C 202 -1.97 -2.96 2.73
N SER C 203 -0.74 -3.24 2.31
CA SER C 203 -0.27 -2.75 1.03
C SER C 203 -1.12 -3.34 -0.09
N HIS C 204 -1.53 -4.59 0.09
CA HIS C 204 -2.35 -5.26 -0.90
C HIS C 204 -3.75 -4.68 -0.96
N VAL C 205 -4.31 -4.38 0.21
CA VAL C 205 -5.64 -3.79 0.28
C VAL C 205 -5.57 -2.43 -0.41
N ARG C 206 -4.54 -1.66 -0.10
CA ARG C 206 -4.35 -0.35 -0.70
C ARG C 206 -4.25 -0.44 -2.22
N HIS C 207 -3.55 -1.45 -2.72
CA HIS C 207 -3.38 -1.61 -4.15
C HIS C 207 -4.72 -1.94 -4.81
N ALA C 208 -5.46 -2.86 -4.20
CA ALA C 208 -6.76 -3.25 -4.72
C ALA C 208 -7.69 -2.03 -4.71
N SER C 209 -7.55 -1.18 -3.70
CA SER C 209 -8.37 0.03 -3.60
C SER C 209 -8.08 0.95 -4.79
N ASN C 210 -6.79 1.17 -5.05
CA ASN C 210 -6.35 2.02 -6.14
C ASN C 210 -6.92 1.49 -7.45
N LYS C 211 -6.83 0.19 -7.69
CA LYS C 211 -7.36 -0.40 -8.90
C LYS C 211 -8.88 -0.29 -8.96
N GLY C 212 -9.53 -0.48 -7.82
CA GLY C 212 -10.98 -0.40 -7.77
C GLY C 212 -11.49 1.00 -8.05
N MET C 213 -10.81 2.00 -7.52
CA MET C 213 -11.25 3.37 -7.75
C MET C 213 -10.96 3.80 -9.18
N GLU C 214 -9.84 3.33 -9.73
CA GLU C 214 -9.50 3.68 -11.10
C GLU C 214 -10.56 3.06 -12.01
N HIS C 215 -10.95 1.83 -11.71
CA HIS C 215 -11.96 1.11 -12.47
C HIS C 215 -13.33 1.77 -12.41
N LEU C 216 -13.71 2.23 -11.21
CA LEU C 216 -15.00 2.89 -11.01
C LEU C 216 -15.06 4.19 -11.81
N LEU C 217 -13.96 4.93 -11.80
CA LEU C 217 -13.89 6.19 -12.53
C LEU C 217 -14.14 5.93 -14.02
N ASN C 218 -13.48 4.91 -14.56
CA ASN C 218 -13.62 4.56 -15.98
C ASN C 218 -15.05 4.14 -16.32
N MET C 219 -15.70 3.44 -15.40
CA MET C 219 -17.07 2.99 -15.64
C MET C 219 -17.99 4.21 -15.67
N LYS C 220 -17.64 5.21 -14.88
CA LYS C 220 -18.43 6.43 -14.83
C LYS C 220 -18.24 7.21 -16.13
N CYS C 221 -17.00 7.32 -16.58
CA CYS C 221 -16.71 8.05 -17.81
C CYS C 221 -17.33 7.38 -19.02
N LYS C 222 -17.29 6.05 -19.05
CA LYS C 222 -17.86 5.29 -20.16
C LYS C 222 -19.38 5.21 -20.08
N ASN C 223 -19.95 5.88 -19.07
CA ASN C 223 -21.39 5.93 -18.86
C ASN C 223 -22.01 4.55 -18.60
N VAL C 224 -21.19 3.62 -18.14
CA VAL C 224 -21.66 2.26 -17.86
C VAL C 224 -22.60 2.25 -16.65
N VAL C 225 -22.44 3.25 -15.80
CA VAL C 225 -23.27 3.36 -14.59
C VAL C 225 -23.15 4.77 -14.05
N PRO C 226 -24.26 5.32 -13.53
CA PRO C 226 -24.26 6.68 -12.96
C PRO C 226 -23.60 6.68 -11.58
N VAL C 227 -22.87 7.75 -11.26
CA VAL C 227 -22.21 7.81 -9.96
C VAL C 227 -22.77 8.88 -9.00
N TYR C 228 -23.45 8.38 -7.97
CA TYR C 228 -24.10 9.18 -6.92
C TYR C 228 -23.34 10.36 -6.33
N ASP C 229 -24.08 11.29 -5.74
CA ASP C 229 -23.52 12.49 -5.12
C ASP C 229 -22.39 12.17 -4.12
N LEU C 230 -22.71 11.46 -3.04
CA LEU C 230 -21.71 11.11 -2.05
C LEU C 230 -20.60 10.28 -2.68
N LEU C 231 -21.01 9.23 -3.37
CA LEU C 231 -20.08 8.33 -4.04
C LEU C 231 -19.15 9.10 -4.97
N LEU C 232 -19.71 10.04 -5.71
CA LEU C 232 -18.93 10.86 -6.64
C LEU C 232 -17.94 11.75 -5.89
N GLU C 233 -18.37 12.39 -4.81
CA GLU C 233 -17.48 13.25 -4.05
C GLU C 233 -16.28 12.44 -3.56
N MET C 234 -16.56 11.25 -3.04
CA MET C 234 -15.51 10.37 -2.54
C MET C 234 -14.60 9.92 -3.69
N LEU C 235 -15.17 9.69 -4.85
CA LEU C 235 -14.39 9.26 -6.01
C LEU C 235 -13.39 10.37 -6.42
N ASN C 236 -13.90 11.57 -6.67
CA ASN C 236 -13.06 12.71 -7.06
C ASN C 236 -12.05 13.06 -5.96
N ALA C 237 -12.47 12.97 -4.71
CA ALA C 237 -11.62 13.22 -3.55
C ALA C 237 -11.03 14.62 -3.36
N HIS C 238 -11.80 15.66 -3.66
CA HIS C 238 -11.30 17.02 -3.44
C HIS C 238 -12.40 17.93 -2.94
N VAL C 239 -13.17 17.38 -2.00
CA VAL C 239 -14.29 18.05 -1.38
C VAL C 239 -13.93 19.42 -0.84
N LEU C 240 -12.69 19.57 -0.39
CA LEU C 240 -12.22 20.84 0.14
C LEU C 240 -11.79 21.75 -0.99
N ARG C 241 -11.61 21.17 -2.18
CA ARG C 241 -11.18 21.86 -3.41
C ARG C 241 -9.66 21.85 -3.55
N LYS D 5 -23.02 14.92 0.39
CA LYS D 5 -21.92 15.77 0.91
C LYS D 5 -21.20 15.08 2.06
N LEU D 6 -19.89 14.91 1.90
CA LEU D 6 -19.08 14.28 2.93
C LEU D 6 -19.07 15.16 4.17
N VAL D 7 -18.82 16.45 3.95
CA VAL D 7 -18.76 17.40 5.05
C VAL D 7 -20.05 17.44 5.86
N GLN D 8 -21.19 17.36 5.18
CA GLN D 8 -22.48 17.37 5.86
C GLN D 8 -22.61 16.21 6.82
N LEU D 9 -22.47 14.99 6.31
CA LEU D 9 -22.59 13.81 7.15
C LEU D 9 -21.65 13.91 8.34
N LEU D 10 -20.44 14.38 8.09
CA LEU D 10 -19.46 14.52 9.16
C LEU D 10 -19.87 15.49 10.25
N THR D 11 -20.46 16.62 9.88
CA THR D 11 -20.82 17.64 10.86
C THR D 11 -22.30 17.85 11.12
N THR D 12 -23.14 17.54 10.15
CA THR D 12 -24.59 17.71 10.28
C THR D 12 -25.25 16.50 10.95
N THR D 13 -24.51 15.41 11.05
CA THR D 13 -25.03 14.19 11.66
C THR D 13 -23.95 13.57 12.55
C1 338 E . 14.66 7.03 -7.47
C2 338 E . 14.52 7.22 -8.88
C3 338 E . 13.27 7.70 -9.36
C4 338 E . 12.20 7.96 -8.48
C5 338 E . 12.31 7.76 -7.07
C6 338 E . 13.57 7.28 -6.57
O10 338 E . 12.90 7.98 -10.64
C11 338 E . 11.60 8.42 -10.55
N12 338 E . 11.13 8.41 -9.24
C13 338 E . 10.84 8.85 -11.68
C15 338 E . 9.57 9.65 -11.62
C16 338 E . 8.91 10.05 -12.91
C17 338 E . 9.49 9.65 -14.15
C18 338 E . 10.70 8.88 -14.19
C19 338 E . 11.34 8.50 -12.98
C23 338 E . 8.92 10.10 -10.41
C24 338 E . 7.71 10.87 -10.42
C25 338 E . 7.10 11.24 -11.65
C26 338 E . 7.69 10.83 -12.90
O30 338 E . 15.84 6.57 -6.95
O31 338 E . 7.05 11.23 -14.08
C1 338 F . -17.76 -3.27 -0.12
C2 338 F . -18.39 -2.45 -1.12
C3 338 F . -17.73 -2.29 -2.36
C4 338 F . -16.48 -2.90 -2.60
C5 338 F . -15.83 -3.71 -1.63
C6 338 F . -16.49 -3.89 -0.37
O10 338 F . -18.13 -1.58 -3.43
C11 338 F . -17.12 -1.74 -4.36
N12 338 F . -16.09 -2.54 -3.89
C13 338 F . -17.14 -1.13 -5.65
C15 338 F . -16.25 -1.45 -6.81
C16 338 F . -16.43 -0.70 -8.08
C17 338 F . -17.44 0.31 -8.18
C18 338 F . -18.29 0.60 -7.08
C19 338 F . -18.14 -0.10 -5.85
C23 338 F . -15.20 -2.45 -6.79
C24 338 F . -14.37 -2.71 -7.93
C25 338 F . -14.56 -1.97 -9.14
C26 338 F . -15.58 -0.97 -9.23
O30 338 F . -18.37 -3.46 1.10
O31 338 F . -15.73 -0.28 -10.41
#